data_2WPJ
#
_entry.id   2WPJ
#
_cell.length_a   44.120
_cell.length_b   66.160
_cell.length_c   96.990
_cell.angle_alpha   90.00
_cell.angle_beta   90.00
_cell.angle_gamma   90.00
#
_symmetry.space_group_name_H-M   'P 21 21 21'
#
loop_
_entity.id
_entity.type
_entity.pdbx_description
1 polymer 'COAGULATION FACTOR IXA LIGHT CHAIN'
2 polymer 'D-PHE-PRO-ARG-CHLOROMETHYL KETONE'
3 polymer 'COAGULATION FACTOR IXA HEAVY CHAIN'
4 non-polymer 'CALCIUM ION'
5 water water
#
loop_
_entity_poly.entity_id
_entity_poly.type
_entity_poly.pdbx_seq_one_letter_code
_entity_poly.pdbx_strand_id
1 'polypeptide(L)' TCNIKNGRCEQFCKNSADNKVVCSCTEGYRLAENQKSCEPAVPFPCGRVSVSQTSKLTR E
2 'polypeptide(L)' (DPN)PR L
3 'polypeptide(L)'
;VVGGEDAKPGQFPWQVVLNGKVDAFCGGSIVNEKWIVTAAHCVETGVKITVVAGEHNIEETEHTEQKRNVIRIIPHHNFN
AAINTYNHDIALLELDEPLVLNSYVTPICIADKEYTNIFLKFGSGYVSGWGRVFHKGRSALVLQYLRVPLVDRATCLRST
KFTITNNMFCAGFHEGGRDSCQGDSGGPHVTEVEGTSFLTGIISWGEECAMKGKYGIYTKVSRYVNWIKEKTKLT
;
S
#
loop_
_chem_comp.id
_chem_comp.type
_chem_comp.name
_chem_comp.formula
CA non-polymer 'CALCIUM ION' 'Ca 2'
#
# COMPACT_ATOMS: atom_id res chain seq x y z
N THR A 1 13.34 -13.43 24.09
CA THR A 1 14.08 -12.23 23.60
C THR A 1 13.76 -11.95 22.13
N CYS A 2 12.91 -10.96 21.89
CA CYS A 2 12.52 -10.59 20.52
C CYS A 2 13.66 -9.91 19.83
N ASN A 3 14.73 -9.71 20.59
CA ASN A 3 15.95 -9.05 20.15
C ASN A 3 16.62 -9.58 18.91
N ILE A 4 16.77 -10.89 18.85
CA ILE A 4 17.43 -11.54 17.74
C ILE A 4 16.45 -12.26 16.83
N LYS A 5 16.57 -12.01 15.53
CA LYS A 5 15.73 -12.64 14.53
C LYS A 5 14.24 -12.64 14.91
N ASN A 6 13.81 -11.56 15.56
CA ASN A 6 12.40 -11.39 15.96
C ASN A 6 11.91 -12.52 16.86
N GLY A 7 12.82 -13.10 17.65
CA GLY A 7 12.46 -14.18 18.53
C GLY A 7 12.00 -15.42 17.77
N ARG A 8 12.30 -15.45 16.48
CA ARG A 8 11.90 -16.54 15.59
C ARG A 8 10.38 -16.56 15.38
N CYS A 9 9.78 -15.38 15.49
CA CYS A 9 8.36 -15.21 15.28
C CYS A 9 8.22 -14.84 13.80
N GLU A 10 7.35 -15.53 13.07
CA GLU A 10 7.20 -15.20 11.66
C GLU A 10 6.67 -13.79 11.48
N GLN A 11 5.81 -13.37 12.39
CA GLN A 11 5.26 -12.03 12.28
C GLN A 11 5.57 -11.15 13.47
N PHE A 12 4.82 -11.25 14.57
CA PHE A 12 5.06 -10.34 15.66
C PHE A 12 5.58 -11.09 16.87
N CYS A 13 6.44 -10.42 17.61
CA CYS A 13 7.08 -10.96 18.82
C CYS A 13 6.86 -10.00 19.99
N LYS A 14 6.69 -10.55 21.20
CA LYS A 14 6.51 -9.72 22.38
C LYS A 14 7.27 -10.42 23.50
N ASN A 15 8.02 -9.68 24.30
CA ASN A 15 8.74 -10.33 25.41
C ASN A 15 7.73 -10.78 26.46
N SER A 16 7.95 -11.96 27.04
CA SER A 16 7.04 -12.47 28.06
C SER A 16 7.66 -13.51 28.97
N ALA A 17 7.54 -13.32 30.28
CA ALA A 17 8.03 -14.30 31.23
C ALA A 17 9.53 -14.53 31.39
N ASP A 18 10.26 -13.48 31.75
CA ASP A 18 11.70 -13.58 31.99
C ASP A 18 12.60 -14.06 30.85
N ASN A 19 12.92 -13.13 29.96
CA ASN A 19 13.78 -13.40 28.82
C ASN A 19 13.10 -14.32 27.80
N LYS A 20 11.80 -14.59 27.97
CA LYS A 20 11.12 -15.46 27.03
C LYS A 20 10.55 -14.68 25.84
N VAL A 21 9.35 -15.05 25.38
CA VAL A 21 8.77 -14.41 24.19
C VAL A 21 7.43 -15.09 23.81
N VAL A 22 6.60 -14.40 23.03
CA VAL A 22 5.34 -14.98 22.58
C VAL A 22 5.06 -14.33 21.23
N CYS A 23 4.95 -15.19 20.23
CA CYS A 23 4.70 -14.78 18.85
C CYS A 23 3.22 -14.66 18.57
N SER A 24 2.85 -13.70 17.73
CA SER A 24 1.46 -13.51 17.37
C SER A 24 1.39 -13.21 15.88
N CYS A 25 0.16 -13.14 15.35
CA CYS A 25 0.01 -12.93 13.92
C CYS A 25 -1.06 -11.94 13.70
N THR A 26 -1.11 -11.41 12.46
CA THR A 26 -2.13 -10.43 12.11
C THR A 26 -3.47 -11.11 11.82
N GLU A 27 -4.54 -10.32 11.77
CA GLU A 27 -5.90 -10.82 11.54
C GLU A 27 -5.95 -11.74 10.33
N GLY A 28 -6.71 -12.85 10.45
CA GLY A 28 -6.79 -13.76 9.35
C GLY A 28 -5.78 -14.89 9.41
N TYR A 29 -4.83 -14.79 10.36
CA TYR A 29 -3.80 -15.81 10.56
C TYR A 29 -3.88 -16.31 11.99
N ARG A 30 -3.28 -17.47 12.22
CA ARG A 30 -3.27 -18.02 13.56
C ARG A 30 -1.89 -18.59 13.83
N LEU A 31 -1.46 -18.45 15.08
CA LEU A 31 -0.16 -18.94 15.54
C LEU A 31 -0.06 -20.44 15.37
N ALA A 32 0.71 -20.88 14.38
CA ALA A 32 0.88 -22.30 14.10
C ALA A 32 1.13 -23.15 15.35
N GLU A 33 1.15 -24.47 15.14
CA GLU A 33 1.34 -25.41 16.23
C GLU A 33 2.66 -25.20 16.99
N ASN A 34 3.74 -24.88 16.26
CA ASN A 34 5.06 -24.66 16.85
C ASN A 34 5.26 -23.32 17.56
N GLN A 35 4.18 -22.55 17.70
CA GLN A 35 4.19 -21.25 18.37
C GLN A 35 4.98 -20.12 17.71
N LYS A 36 5.51 -20.33 16.50
CA LYS A 36 6.28 -19.25 15.85
C LYS A 36 5.71 -18.80 14.51
N SER A 37 5.32 -19.77 13.70
CA SER A 37 4.78 -19.51 12.38
C SER A 37 3.34 -19.08 12.38
N CYS A 38 2.93 -18.45 11.27
CA CYS A 38 1.56 -18.00 11.13
C CYS A 38 0.93 -18.75 9.98
N GLU A 39 -0.27 -19.26 10.22
CA GLU A 39 -0.97 -20.01 9.19
C GLU A 39 -2.32 -19.39 8.91
N PRO A 40 -2.74 -19.40 7.65
CA PRO A 40 -4.03 -18.82 7.29
C PRO A 40 -5.17 -19.45 8.08
N ALA A 41 -6.07 -18.62 8.60
CA ALA A 41 -7.22 -19.07 9.38
C ALA A 41 -8.52 -18.70 8.66
N VAL A 42 -8.39 -18.17 7.45
CA VAL A 42 -9.54 -17.78 6.63
C VAL A 42 -9.21 -18.11 5.18
N PRO A 43 -10.21 -18.19 4.30
CA PRO A 43 -9.93 -18.53 2.90
C PRO A 43 -8.99 -17.58 2.17
N PHE A 44 -9.18 -16.30 2.44
CA PHE A 44 -8.38 -15.28 1.75
C PHE A 44 -7.77 -14.30 2.75
N PRO A 45 -6.77 -14.75 3.50
CA PRO A 45 -6.15 -13.86 4.47
C PRO A 45 -5.41 -12.73 3.79
N CYS A 46 -5.32 -11.61 4.49
CA CYS A 46 -4.63 -10.44 3.94
C CYS A 46 -3.18 -10.74 3.55
N GLY A 47 -2.69 -9.95 2.59
CA GLY A 47 -1.31 -10.00 2.16
C GLY A 47 -0.71 -11.12 1.39
N ARG A 48 -1.54 -12.05 0.97
CA ARG A 48 -1.02 -13.17 0.25
C ARG A 48 -1.52 -13.32 -1.15
N VAL A 49 -0.57 -13.69 -2.01
CA VAL A 49 -0.84 -13.94 -3.42
C VAL A 49 -1.31 -15.39 -3.48
N SER A 50 -2.51 -15.61 -4.00
CA SER A 50 -3.02 -16.97 -4.05
C SER A 50 -3.38 -17.42 -5.45
N VAL A 51 -3.13 -16.58 -6.45
CA VAL A 51 -3.43 -16.95 -7.84
C VAL A 51 -2.53 -18.11 -8.21
N SER A 52 -1.23 -17.90 -8.04
CA SER A 52 -0.19 -18.89 -8.30
C SER A 52 -0.41 -20.01 -9.32
N GLN A 53 0.32 -21.10 -9.12
CA GLN A 53 0.26 -22.28 -9.99
C GLN A 53 0.29 -21.91 -11.47
N THR A 54 0.67 -20.66 -11.75
CA THR A 54 0.75 -20.14 -13.11
C THR A 54 -0.02 -21.01 -14.10
N SER A 55 0.68 -21.98 -14.68
CA SER A 55 0.11 -22.91 -15.64
C SER A 55 1.21 -23.76 -16.26
N LYS A 56 2.22 -24.07 -15.45
CA LYS A 56 3.34 -24.89 -15.92
C LYS A 56 4.28 -25.23 -14.77
N LEU A 57 3.93 -26.28 -14.02
CA LEU A 57 4.73 -26.72 -12.89
C LEU A 57 4.30 -28.10 -12.40
N THR A 58 4.69 -28.43 -11.17
CA THR A 58 4.36 -29.72 -10.59
C THR A 58 3.11 -29.65 -9.72
N ARG A 59 3.09 -28.68 -8.81
CA ARG A 59 1.96 -28.49 -7.90
C ARG A 59 1.74 -29.74 -7.06
N DPN B 1 2.84 18.59 -8.01
CA DPN B 1 3.01 18.22 -6.59
C DPN B 1 2.65 16.80 -6.22
O DPN B 1 3.30 15.74 -6.43
CB DPN B 1 4.35 18.58 -6.01
CG DPN B 1 4.85 19.95 -6.44
CD1 DPN B 1 3.98 21.01 -6.66
CD2 DPN B 1 6.21 20.13 -6.71
CE1 DPN B 1 4.45 22.23 -7.20
CE2 DPN B 1 6.68 21.30 -7.22
CZ DPN B 1 5.80 22.35 -7.47
N PRO B 2 1.45 16.77 -5.78
CA PRO B 2 0.70 15.65 -5.32
C PRO B 2 0.50 14.72 -6.48
N ARG B 3 0.70 13.43 -6.19
CA ARG B 3 0.49 12.39 -7.17
C ARG B 3 -0.84 11.69 -6.91
N VAL C 1 3.80 4.57 -12.79
CA VAL C 1 5.11 4.06 -12.32
C VAL C 1 6.10 4.13 -13.47
N VAL C 2 7.21 4.81 -13.24
CA VAL C 2 8.27 4.96 -14.26
C VAL C 2 9.37 3.94 -13.99
N GLY C 3 9.81 3.27 -15.05
CA GLY C 3 10.84 2.26 -14.90
C GLY C 3 10.44 0.97 -14.21
N GLY C 4 9.15 0.67 -14.09
CA GLY C 4 8.72 -0.55 -13.41
C GLY C 4 8.45 -1.63 -14.44
N GLU C 5 7.64 -2.61 -14.08
CA GLU C 5 7.31 -3.73 -14.97
C GLU C 5 5.86 -4.11 -14.81
N ASP C 6 5.37 -4.88 -15.77
CA ASP C 6 4.00 -5.34 -15.73
C ASP C 6 3.80 -6.35 -14.61
N ALA C 7 2.73 -6.14 -13.84
CA ALA C 7 2.35 -7.07 -12.82
C ALA C 7 1.68 -8.28 -13.53
N LYS C 8 1.65 -9.44 -12.86
CA LYS C 8 0.91 -10.58 -13.43
C LYS C 8 -0.48 -10.44 -12.81
N PRO C 9 -1.53 -10.96 -13.46
CA PRO C 9 -2.86 -10.82 -12.83
C PRO C 9 -2.83 -11.46 -11.44
N GLY C 10 -3.46 -10.79 -10.47
CA GLY C 10 -3.50 -11.34 -9.12
C GLY C 10 -2.25 -11.21 -8.27
N GLN C 11 -1.22 -10.52 -8.80
CA GLN C 11 0.03 -10.37 -8.07
C GLN C 11 -0.10 -9.37 -6.92
N PHE C 12 -0.94 -8.35 -7.11
CA PHE C 12 -1.16 -7.36 -6.06
C PHE C 12 -2.66 -7.27 -5.92
N PRO C 13 -3.27 -8.30 -5.30
CA PRO C 13 -4.72 -8.35 -5.14
C PRO C 13 -5.39 -7.36 -4.23
N TRP C 14 -4.58 -6.56 -3.55
CA TRP C 14 -5.13 -5.53 -2.69
C TRP C 14 -5.18 -4.21 -3.46
N GLN C 15 -4.56 -4.18 -4.61
CA GLN C 15 -4.55 -2.92 -5.39
C GLN C 15 -5.90 -2.63 -6.02
N VAL C 16 -6.41 -1.40 -5.87
CA VAL C 16 -7.61 -0.99 -6.57
C VAL C 16 -7.26 0.27 -7.36
N VAL C 17 -8.11 0.59 -8.34
CA VAL C 17 -8.02 1.83 -9.10
C VAL C 17 -9.28 2.64 -8.77
N LEU C 18 -9.15 3.96 -8.79
CA LEU C 18 -10.24 4.86 -8.51
C LEU C 18 -10.57 5.56 -9.83
N ASN C 19 -11.87 5.65 -10.11
CA ASN C 19 -12.37 6.33 -11.29
C ASN C 19 -13.38 7.41 -10.88
N GLY C 20 -13.41 8.52 -11.62
CA GLY C 20 -14.34 9.58 -11.34
C GLY C 20 -14.46 10.53 -12.52
N LYS C 21 -14.40 11.82 -12.24
CA LYS C 21 -14.42 12.88 -13.26
C LYS C 21 -13.24 12.65 -14.20
N VAL C 22 -12.24 11.93 -13.71
CA VAL C 22 -11.08 11.54 -14.48
C VAL C 22 -11.02 10.01 -14.28
N ASP C 23 -10.75 9.25 -15.33
CA ASP C 23 -10.64 7.80 -15.22
C ASP C 23 -9.22 7.44 -14.71
N ALA C 24 -9.15 6.34 -13.95
CA ALA C 24 -7.91 5.79 -13.42
C ALA C 24 -7.05 6.87 -12.88
N PHE C 25 -7.59 7.68 -11.96
CA PHE C 25 -6.80 8.83 -11.53
C PHE C 25 -5.98 8.67 -10.29
N CYS C 26 -6.23 7.60 -9.55
CA CYS C 26 -5.43 7.32 -8.35
C CYS C 26 -5.60 5.85 -8.06
N GLY C 27 -4.77 5.36 -7.14
CA GLY C 27 -4.87 3.96 -6.68
C GLY C 27 -5.36 3.94 -5.24
N GLY C 28 -5.42 2.72 -4.71
CA GLY C 28 -5.84 2.54 -3.31
C GLY C 28 -5.54 1.11 -2.96
N SER C 29 -5.73 0.73 -1.69
CA SER C 29 -5.48 -0.64 -1.28
C SER C 29 -6.69 -1.06 -0.45
N ILE C 30 -7.06 -2.32 -0.61
CA ILE C 30 -8.16 -2.88 0.18
C ILE C 30 -7.78 -3.08 1.65
N VAL C 31 -8.55 -2.47 2.57
CA VAL C 31 -8.32 -2.65 4.03
C VAL C 31 -9.15 -3.89 4.42
N ASN C 32 -10.40 -3.90 3.97
CA ASN C 32 -11.30 -5.03 4.18
C ASN C 32 -12.41 -5.00 3.15
N GLU C 33 -13.41 -5.87 3.28
CA GLU C 33 -14.49 -5.91 2.30
C GLU C 33 -15.22 -4.62 2.03
N LYS C 34 -15.23 -3.71 3.00
CA LYS C 34 -15.95 -2.45 2.85
C LYS C 34 -15.14 -1.17 2.81
N TRP C 35 -13.82 -1.29 2.94
CA TRP C 35 -12.97 -0.09 3.05
C TRP C 35 -11.69 -0.14 2.24
N ILE C 36 -11.40 0.99 1.62
CA ILE C 36 -10.19 1.18 0.83
C ILE C 36 -9.39 2.31 1.49
N VAL C 37 -8.06 2.19 1.48
CA VAL C 37 -7.18 3.26 1.95
C VAL C 37 -6.45 3.84 0.73
N THR C 38 -6.45 5.17 0.72
CA THR C 38 -5.91 5.92 -0.43
C THR C 38 -5.27 7.19 0.05
N ALA C 39 -4.96 8.13 -0.85
CA ALA C 39 -4.34 9.42 -0.45
C ALA C 39 -5.43 10.47 -0.37
N ALA C 40 -5.35 11.30 0.67
CA ALA C 40 -6.38 12.32 0.80
C ALA C 40 -6.38 13.30 -0.36
N HIS C 41 -5.23 13.54 -1.03
CA HIS C 41 -5.24 14.51 -2.12
C HIS C 41 -6.02 14.01 -3.35
N CYS C 42 -6.35 12.74 -3.37
CA CYS C 42 -7.11 12.13 -4.50
C CYS C 42 -8.59 12.32 -4.38
N VAL C 43 -9.01 12.67 -3.17
CA VAL C 43 -10.44 12.67 -2.91
C VAL C 43 -10.89 13.93 -2.23
N GLU C 44 -10.23 15.02 -2.59
CA GLU C 44 -10.62 16.30 -2.02
C GLU C 44 -11.94 16.53 -2.74
N THR C 45 -13.02 16.66 -1.99
CA THR C 45 -14.33 16.89 -2.57
C THR C 45 -14.12 17.31 -4.02
N GLY C 46 -14.46 16.42 -4.94
CA GLY C 46 -14.28 16.75 -6.34
C GLY C 46 -15.44 16.13 -7.09
N VAL C 47 -15.49 14.80 -7.03
CA VAL C 47 -16.53 14.06 -7.69
C VAL C 47 -17.06 12.94 -6.80
N LYS C 48 -17.83 12.09 -7.44
CA LYS C 48 -18.38 10.90 -6.84
C LYS C 48 -17.23 10.02 -7.33
N ILE C 49 -16.91 8.95 -6.62
CA ILE C 49 -15.79 8.08 -6.98
C ILE C 49 -16.29 6.65 -7.08
N THR C 50 -15.72 5.87 -8.02
CA THR C 50 -15.99 4.45 -8.17
C THR C 50 -14.63 3.77 -7.92
N VAL C 51 -14.67 2.58 -7.34
CA VAL C 51 -13.50 1.78 -6.99
C VAL C 51 -13.60 0.49 -7.81
N VAL C 52 -12.50 0.06 -8.43
CA VAL C 52 -12.52 -1.18 -9.16
C VAL C 52 -11.41 -2.04 -8.59
N ALA C 53 -11.82 -3.16 -7.97
CA ALA C 53 -10.89 -4.15 -7.45
C ALA C 53 -10.77 -5.29 -8.45
N GLY C 54 -9.73 -6.10 -8.33
CA GLY C 54 -9.52 -7.20 -9.25
C GLY C 54 -9.18 -6.68 -10.64
N GLU C 55 -8.65 -5.47 -10.72
CA GLU C 55 -8.33 -4.87 -12.03
C GLU C 55 -6.91 -5.20 -12.42
N HIS C 56 -6.69 -5.36 -13.72
CA HIS C 56 -5.35 -5.64 -14.25
C HIS C 56 -5.05 -4.77 -15.45
N ASN C 57 -5.87 -4.89 -16.50
CA ASN C 57 -5.66 -4.11 -17.70
C ASN C 57 -6.88 -3.21 -17.81
N ILE C 58 -6.66 -1.92 -17.71
CA ILE C 58 -7.71 -0.94 -17.74
C ILE C 58 -8.60 -0.89 -18.98
N GLU C 59 -8.07 -1.32 -20.12
CA GLU C 59 -8.86 -1.28 -21.37
C GLU C 59 -9.53 -2.60 -21.73
N GLU C 60 -9.16 -3.69 -21.05
CA GLU C 60 -9.73 -5.01 -21.33
C GLU C 60 -10.62 -5.53 -20.20
N THR C 61 -11.34 -6.63 -20.44
CA THR C 61 -12.20 -7.25 -19.43
C THR C 61 -11.53 -8.57 -19.03
N GLU C 62 -11.28 -8.76 -17.73
CA GLU C 62 -10.62 -9.95 -17.23
C GLU C 62 -11.63 -10.84 -16.53
N HIS C 63 -12.80 -10.28 -16.27
CA HIS C 63 -13.88 -10.98 -15.56
C HIS C 63 -13.48 -11.25 -14.13
N THR C 64 -12.57 -10.43 -13.58
CA THR C 64 -12.15 -10.56 -12.20
C THR C 64 -12.49 -9.25 -11.54
N GLU C 65 -12.84 -8.26 -12.34
CA GLU C 65 -13.16 -6.92 -11.82
C GLU C 65 -14.41 -6.82 -10.97
N GLN C 66 -14.31 -6.09 -9.87
CA GLN C 66 -15.48 -5.85 -8.99
C GLN C 66 -15.59 -4.34 -8.83
N LYS C 67 -16.64 -3.71 -9.37
CA LYS C 67 -16.83 -2.27 -9.28
C LYS C 67 -17.73 -1.91 -8.12
N ARG C 68 -17.34 -0.90 -7.37
CA ARG C 68 -18.13 -0.45 -6.23
C ARG C 68 -18.23 1.05 -6.14
N ASN C 69 -19.33 1.53 -5.57
CA ASN C 69 -19.50 2.95 -5.37
C ASN C 69 -18.99 3.29 -3.97
N VAL C 70 -18.44 4.48 -3.87
CA VAL C 70 -17.95 4.99 -2.59
C VAL C 70 -19.07 5.83 -1.99
N ILE C 71 -19.53 5.45 -0.81
CA ILE C 71 -20.61 6.19 -0.14
C ILE C 71 -20.15 7.16 0.92
N ARG C 72 -18.94 6.99 1.43
CA ARG C 72 -18.40 7.85 2.49
C ARG C 72 -16.89 7.96 2.31
N ILE C 73 -16.37 9.16 2.56
CA ILE C 73 -14.94 9.41 2.40
C ILE C 73 -14.45 10.08 3.66
N ILE C 74 -13.37 9.55 4.19
CA ILE C 74 -12.79 10.10 5.40
C ILE C 74 -11.34 10.50 5.22
N PRO C 75 -11.13 11.76 4.91
CA PRO C 75 -9.72 12.18 4.78
C PRO C 75 -9.20 12.34 6.17
N HIS C 76 -7.90 12.13 6.37
CA HIS C 76 -7.38 12.31 7.70
C HIS C 76 -7.72 13.71 8.22
N HIS C 77 -8.15 13.78 9.49
CA HIS C 77 -8.55 15.04 10.04
C HIS C 77 -7.56 16.17 10.02
N ASN C 78 -6.26 15.84 9.92
CA ASN C 78 -5.29 16.90 9.88
C ASN C 78 -4.80 17.22 8.46
N PHE C 79 -5.30 16.48 7.46
CA PHE C 79 -4.96 16.82 6.08
C PHE C 79 -5.58 18.21 5.81
N ASN C 80 -4.82 19.02 5.10
CA ASN C 80 -5.19 20.39 4.75
C ASN C 80 -5.31 21.29 5.96
N ALA C 81 -4.76 20.87 7.10
CA ALA C 81 -4.78 21.80 8.25
C ALA C 81 -3.86 22.97 7.86
N ALA C 82 -2.82 22.66 7.07
CA ALA C 82 -1.82 23.60 6.54
C ALA C 82 -1.95 23.50 5.03
N ILE C 83 -1.93 24.63 4.35
CA ILE C 83 -2.10 24.63 2.91
C ILE C 83 -0.89 24.10 2.13
N ASN C 84 -1.18 23.31 1.09
CA ASN C 84 -0.20 22.74 0.17
C ASN C 84 1.04 22.03 0.76
N THR C 85 0.91 21.39 1.93
CA THR C 85 2.07 20.70 2.51
C THR C 85 2.04 19.19 2.20
N TYR C 86 0.87 18.68 1.84
CA TYR C 86 0.64 17.25 1.58
C TYR C 86 0.87 16.41 2.84
N ASN C 87 0.95 17.04 4.01
CA ASN C 87 1.14 16.31 5.26
C ASN C 87 -0.22 15.55 5.58
N HIS C 88 -0.13 14.38 6.19
CA HIS C 88 -1.29 13.54 6.51
C HIS C 88 -2.04 13.16 5.22
N ASP C 89 -1.30 12.82 4.16
CA ASP C 89 -1.98 12.48 2.88
C ASP C 89 -2.47 11.06 2.88
N ILE C 90 -3.65 10.89 3.46
CA ILE C 90 -4.20 9.57 3.58
C ILE C 90 -5.69 9.74 3.81
N ALA C 91 -6.46 8.78 3.28
CA ALA C 91 -7.92 8.87 3.37
C ALA C 91 -8.51 7.49 3.26
N LEU C 92 -9.74 7.32 3.77
CA LEU C 92 -10.42 6.03 3.72
C LEU C 92 -11.72 6.16 2.95
N LEU C 93 -12.01 5.14 2.16
CA LEU C 93 -13.24 5.17 1.37
C LEU C 93 -14.10 3.97 1.76
N GLU C 94 -15.36 4.25 2.09
CA GLU C 94 -16.28 3.18 2.41
C GLU C 94 -17.09 2.84 1.16
N LEU C 95 -17.16 1.56 0.86
CA LEU C 95 -17.89 1.08 -0.31
C LEU C 95 -19.37 0.83 0.01
N ASP C 96 -20.19 0.92 -1.03
CA ASP C 96 -21.63 0.73 -0.85
C ASP C 96 -21.95 -0.71 -0.52
N GLU C 97 -21.46 -1.65 -1.34
CA GLU C 97 -21.69 -3.08 -1.13
C GLU C 97 -20.34 -3.69 -0.89
N PRO C 98 -20.27 -4.69 -0.01
CA PRO C 98 -18.97 -5.31 0.25
C PRO C 98 -18.31 -6.01 -0.93
N LEU C 99 -17.00 -5.89 -1.03
CA LEU C 99 -16.27 -6.60 -2.04
C LEU C 99 -16.41 -8.10 -1.68
N VAL C 100 -16.32 -8.97 -2.67
CA VAL C 100 -16.33 -10.42 -2.38
C VAL C 100 -14.85 -10.87 -2.47
N LEU C 101 -14.26 -11.25 -1.35
CA LEU C 101 -12.86 -11.62 -1.43
C LEU C 101 -12.62 -12.92 -2.19
N ASN C 102 -11.55 -12.91 -2.98
CA ASN C 102 -11.11 -14.06 -3.77
C ASN C 102 -9.62 -13.89 -4.11
N SER C 103 -9.07 -14.71 -4.99
CA SER C 103 -7.65 -14.58 -5.29
C SER C 103 -7.23 -13.29 -5.96
N TYR C 104 -8.18 -12.54 -6.46
CA TYR C 104 -7.86 -11.28 -7.14
C TYR C 104 -8.25 -10.05 -6.37
N VAL C 105 -8.97 -10.27 -5.27
CA VAL C 105 -9.52 -9.23 -4.41
C VAL C 105 -9.20 -9.71 -3.00
N THR C 106 -8.09 -9.22 -2.45
CA THR C 106 -7.60 -9.64 -1.14
C THR C 106 -7.08 -8.42 -0.38
N PRO C 107 -7.36 -8.28 0.93
CA PRO C 107 -6.85 -7.09 1.64
C PRO C 107 -5.34 -7.11 1.81
N ILE C 108 -4.76 -5.95 2.16
CA ILE C 108 -3.35 -5.86 2.43
C ILE C 108 -3.28 -5.96 3.97
N CYS C 109 -2.21 -6.55 4.49
CA CYS C 109 -2.12 -6.61 5.96
C CYS C 109 -1.69 -5.29 6.53
N ILE C 110 -2.12 -5.01 7.74
CA ILE C 110 -1.71 -3.77 8.39
C ILE C 110 -1.31 -4.10 9.85
N ALA C 111 -0.02 -3.96 10.12
CA ALA C 111 0.52 -4.23 11.46
C ALA C 111 0.34 -3.03 12.41
N ASP C 112 0.73 -3.16 13.67
CA ASP C 112 0.59 -2.04 14.57
C ASP C 112 1.68 -1.06 14.21
N LYS C 113 1.68 0.08 14.90
CA LYS C 113 2.65 1.11 14.66
C LYS C 113 4.10 0.63 14.73
N GLU C 114 4.45 -0.09 15.79
CA GLU C 114 5.82 -0.57 15.91
C GLU C 114 6.28 -1.45 14.77
N TYR C 115 5.45 -2.42 14.42
CA TYR C 115 5.85 -3.33 13.38
C TYR C 115 5.77 -2.73 11.97
N THR C 116 4.88 -1.78 11.76
CA THR C 116 4.81 -1.17 10.44
C THR C 116 6.11 -0.42 10.22
N ASN C 117 6.60 0.24 11.27
CA ASN C 117 7.88 0.93 11.11
C ASN C 117 9.05 -0.06 10.95
N ILE C 118 9.00 -1.20 11.66
CA ILE C 118 10.04 -2.22 11.54
C ILE C 118 10.08 -2.75 10.11
N PHE C 119 8.92 -3.01 9.55
CA PHE C 119 8.85 -3.48 8.18
C PHE C 119 9.34 -2.38 7.21
N LEU C 120 8.97 -1.12 7.42
CA LEU C 120 9.43 -0.08 6.50
C LEU C 120 10.96 -0.06 6.54
N LYS C 121 11.50 -0.15 7.74
CA LYS C 121 12.96 -0.08 7.87
C LYS C 121 13.70 -1.25 7.26
N PHE C 122 12.96 -2.29 6.86
CA PHE C 122 13.53 -3.44 6.15
C PHE C 122 14.24 -2.80 4.95
N GLY C 123 13.81 -1.58 4.60
CA GLY C 123 14.45 -0.83 3.54
C GLY C 123 14.13 -1.07 2.07
N SER C 124 13.21 -2.00 1.77
CA SER C 124 12.84 -2.29 0.40
C SER C 124 11.34 -2.58 0.33
N GLY C 125 10.65 -1.89 -0.57
CA GLY C 125 9.22 -2.08 -0.64
C GLY C 125 8.82 -1.95 -2.06
N TYR C 126 7.56 -2.33 -2.34
CA TYR C 126 6.99 -2.31 -3.66
C TYR C 126 5.89 -1.26 -3.82
N VAL C 127 5.94 -0.54 -4.94
CA VAL C 127 4.91 0.43 -5.24
C VAL C 127 4.25 -0.04 -6.55
N SER C 128 2.99 0.27 -6.73
CA SER C 128 2.26 -0.19 -7.91
C SER C 128 1.15 0.79 -8.28
N GLY C 129 0.77 0.78 -9.55
CA GLY C 129 -0.32 1.63 -10.01
C GLY C 129 -0.42 1.72 -11.52
N TRP C 130 -1.44 2.44 -11.96
CA TRP C 130 -1.70 2.67 -13.38
C TRP C 130 -1.36 4.10 -13.79
N GLY C 131 -0.46 4.73 -13.02
CA GLY C 131 -0.05 6.09 -13.28
C GLY C 131 0.89 6.24 -14.47
N ARG C 132 1.38 7.46 -14.63
CA ARG C 132 2.27 7.71 -15.80
C ARG C 132 3.48 6.82 -15.83
N VAL C 133 3.83 6.32 -17.02
CA VAL C 133 5.03 5.47 -17.10
C VAL C 133 6.25 6.28 -17.54
N PHE C 134 6.00 7.53 -17.88
CA PHE C 134 7.06 8.48 -18.22
C PHE C 134 6.64 9.82 -17.65
N HIS C 135 7.59 10.59 -17.15
CA HIS C 135 7.26 11.92 -16.66
C HIS C 135 6.54 12.61 -17.84
N LYS C 136 5.33 13.10 -17.61
CA LYS C 136 4.50 13.77 -18.66
C LYS C 136 4.10 12.94 -19.87
N GLY C 137 4.18 11.63 -19.74
CA GLY C 137 3.82 10.74 -20.82
C GLY C 137 2.53 9.97 -20.51
N ARG C 138 2.28 8.90 -21.25
CA ARG C 138 1.06 8.15 -21.07
C ARG C 138 0.97 7.41 -19.76
N SER C 139 -0.28 7.12 -19.40
CA SER C 139 -0.59 6.33 -18.24
C SER C 139 -0.42 4.87 -18.66
N ALA C 140 -0.39 3.96 -17.70
CA ALA C 140 -0.28 2.54 -18.00
C ALA C 140 -1.65 1.91 -18.24
N LEU C 141 -1.73 0.91 -19.11
CA LEU C 141 -2.99 0.19 -19.27
C LEU C 141 -2.91 -1.07 -18.38
N VAL C 142 -1.72 -1.63 -18.25
CA VAL C 142 -1.51 -2.82 -17.42
C VAL C 142 -0.85 -2.36 -16.10
N LEU C 143 -1.35 -2.87 -14.96
CA LEU C 143 -0.77 -2.50 -13.67
C LEU C 143 0.72 -2.65 -13.66
N GLN C 144 1.42 -1.61 -13.20
CA GLN C 144 2.88 -1.63 -13.09
C GLN C 144 3.31 -1.73 -11.63
N TYR C 145 4.50 -2.28 -11.41
CA TYR C 145 5.05 -2.37 -10.06
C TYR C 145 6.55 -2.12 -10.12
N LEU C 146 7.07 -1.72 -8.97
CA LEU C 146 8.46 -1.37 -8.87
C LEU C 146 8.97 -1.49 -7.45
N ARG C 147 10.16 -2.06 -7.28
CA ARG C 147 10.77 -2.11 -5.96
C ARG C 147 11.59 -0.85 -5.78
N VAL C 148 11.40 -0.19 -4.64
CA VAL C 148 12.12 1.03 -4.33
C VAL C 148 12.81 0.98 -2.97
N PRO C 149 14.07 1.41 -2.94
CA PRO C 149 14.76 1.39 -1.65
C PRO C 149 14.44 2.60 -0.77
N LEU C 150 14.40 2.36 0.55
CA LEU C 150 14.13 3.42 1.54
C LEU C 150 15.35 4.35 1.49
N VAL C 151 15.11 5.66 1.62
CA VAL C 151 16.16 6.66 1.59
C VAL C 151 16.30 7.33 2.93
N ASP C 152 17.54 7.55 3.35
CA ASP C 152 17.78 8.15 4.65
C ASP C 152 17.23 9.55 4.69
N ARG C 153 16.62 9.87 5.83
CA ARG C 153 15.97 11.15 6.05
C ARG C 153 16.83 12.38 5.75
N ALA C 154 18.13 12.36 6.08
CA ALA C 154 18.98 13.53 5.78
C ALA C 154 19.14 13.72 4.28
N THR C 155 19.26 12.62 3.56
CA THR C 155 19.39 12.68 2.12
C THR C 155 18.08 13.15 1.54
N CYS C 156 16.99 12.62 2.12
CA CYS C 156 15.61 12.97 1.73
C CYS C 156 15.45 14.51 1.83
N LEU C 157 15.73 15.04 3.01
CA LEU C 157 15.65 16.48 3.25
C LEU C 157 16.45 17.34 2.27
N ARG C 158 17.66 16.88 1.97
CA ARG C 158 18.59 17.57 1.08
C ARG C 158 18.18 17.56 -0.37
N SER C 159 17.28 16.64 -0.75
CA SER C 159 16.83 16.52 -2.13
C SER C 159 15.75 17.50 -2.55
N THR C 160 15.17 18.23 -1.60
CA THR C 160 14.09 19.14 -1.96
C THR C 160 13.96 20.38 -1.11
N LYS C 161 13.38 21.44 -1.68
CA LYS C 161 13.18 22.70 -0.96
C LYS C 161 11.91 22.55 -0.09
N PHE C 162 11.03 21.65 -0.50
CA PHE C 162 9.77 21.43 0.21
C PHE C 162 10.01 20.67 1.51
N THR C 163 9.14 20.88 2.50
CA THR C 163 9.29 20.22 3.79
C THR C 163 8.85 18.76 3.80
N ILE C 164 9.71 17.90 4.36
CA ILE C 164 9.45 16.46 4.53
C ILE C 164 9.16 16.26 6.01
N THR C 165 7.91 15.99 6.35
CA THR C 165 7.56 15.85 7.75
C THR C 165 7.80 14.44 8.32
N ASN C 166 7.56 14.24 9.63
CA ASN C 166 7.73 12.94 10.28
C ASN C 166 6.60 11.95 9.87
N ASN C 167 5.62 12.48 9.13
CA ASN C 167 4.55 11.63 8.64
C ASN C 167 4.84 11.22 7.18
N MET C 168 6.08 11.38 6.73
CA MET C 168 6.48 11.05 5.36
C MET C 168 7.83 10.32 5.37
N PHE C 169 8.11 9.64 4.27
CA PHE C 169 9.42 9.05 4.05
C PHE C 169 9.70 9.13 2.55
N CYS C 170 10.97 9.02 2.21
CA CYS C 170 11.44 9.08 0.85
C CYS C 170 11.87 7.67 0.39
N ALA C 171 11.64 7.33 -0.86
CA ALA C 171 12.12 6.04 -1.37
C ALA C 171 12.41 6.25 -2.81
N GLY C 172 13.42 5.54 -3.32
CA GLY C 172 13.76 5.73 -4.72
C GLY C 172 15.24 5.44 -4.88
N PHE C 173 15.73 5.73 -6.08
CA PHE C 173 17.10 5.46 -6.46
C PHE C 173 17.95 6.69 -6.61
N HIS C 174 19.15 6.65 -6.05
CA HIS C 174 20.06 7.80 -6.16
C HIS C 174 20.28 8.21 -7.62
N GLU C 175 20.32 7.24 -8.53
CA GLU C 175 20.51 7.53 -9.95
C GLU C 175 19.22 7.85 -10.71
N GLY C 176 18.09 7.73 -10.04
CA GLY C 176 16.83 8.02 -10.71
C GLY C 176 16.37 6.94 -11.68
N GLY C 177 15.49 7.33 -12.60
CA GLY C 177 14.95 6.44 -13.61
C GLY C 177 13.78 5.55 -13.22
N ARG C 178 13.57 5.38 -11.93
CA ARG C 178 12.50 4.50 -11.43
C ARG C 178 11.78 5.22 -10.30
N ASP C 179 10.44 5.29 -10.37
CA ASP C 179 9.72 6.06 -9.37
C ASP C 179 8.23 5.88 -9.58
N SER C 180 7.47 6.28 -8.57
CA SER C 180 6.02 6.33 -8.77
C SER C 180 5.82 7.69 -9.49
N CYS C 181 4.61 8.00 -9.94
CA CYS C 181 4.38 9.20 -10.70
C CYS C 181 2.92 9.63 -10.67
N GLN C 182 2.56 10.67 -11.41
CA GLN C 182 1.14 11.11 -11.43
C GLN C 182 0.21 9.94 -11.74
N GLY C 183 -0.90 9.88 -11.04
CA GLY C 183 -1.90 8.83 -11.24
C GLY C 183 -1.66 7.67 -10.29
N ASP C 184 -0.45 7.57 -9.71
CA ASP C 184 -0.16 6.45 -8.78
C ASP C 184 -0.57 6.78 -7.34
N SER C 185 -0.82 8.05 -7.04
CA SER C 185 -1.18 8.47 -5.69
C SER C 185 -2.27 7.60 -5.07
N GLY C 186 -2.08 7.28 -3.79
CA GLY C 186 -3.11 6.47 -3.10
C GLY C 186 -2.84 5.00 -3.09
N GLY C 187 -2.10 4.56 -4.09
CA GLY C 187 -1.69 3.18 -4.19
C GLY C 187 -0.75 2.87 -3.06
N PRO C 188 -0.50 1.60 -2.86
CA PRO C 188 0.35 1.22 -1.77
C PRO C 188 1.81 1.14 -2.01
N HIS C 189 2.54 1.36 -0.90
CA HIS C 189 3.96 1.07 -0.79
C HIS C 189 3.83 -0.11 0.22
N VAL C 190 4.26 -1.29 -0.20
CA VAL C 190 4.14 -2.50 0.63
C VAL C 190 5.46 -3.23 0.81
N THR C 191 5.57 -3.88 1.98
CA THR C 191 6.77 -4.61 2.37
C THR C 191 6.36 -6.06 2.56
N GLU C 192 7.04 -6.97 1.88
CA GLU C 192 6.66 -8.37 2.02
C GLU C 192 7.46 -9.02 3.14
N VAL C 193 6.76 -9.64 4.08
CA VAL C 193 7.45 -10.25 5.22
C VAL C 193 7.12 -11.74 5.17
N GLU C 194 8.08 -12.51 4.64
CA GLU C 194 7.97 -13.95 4.48
C GLU C 194 6.68 -14.39 3.80
N GLY C 195 6.47 -13.82 2.62
CA GLY C 195 5.30 -14.15 1.84
C GLY C 195 4.03 -13.42 2.23
N THR C 196 4.05 -12.58 3.26
CA THR C 196 2.82 -11.86 3.63
C THR C 196 3.10 -10.36 3.51
N SER C 197 2.35 -9.69 2.65
CA SER C 197 2.61 -8.26 2.46
C SER C 197 1.88 -7.37 3.43
N PHE C 198 2.60 -6.34 3.90
CA PHE C 198 2.02 -5.35 4.84
C PHE C 198 2.11 -3.95 4.23
N LEU C 199 1.14 -3.10 4.57
CA LEU C 199 1.12 -1.72 4.06
C LEU C 199 2.13 -0.90 4.86
N THR C 200 3.08 -0.30 4.13
CA THR C 200 4.10 0.54 4.82
C THR C 200 4.06 2.01 4.41
N GLY C 201 3.39 2.31 3.30
CA GLY C 201 3.31 3.72 2.91
C GLY C 201 2.18 3.92 1.91
N ILE C 202 1.86 5.18 1.64
CA ILE C 202 0.87 5.51 0.60
C ILE C 202 1.63 6.38 -0.41
N ILE C 203 1.52 6.07 -1.70
CA ILE C 203 2.14 6.93 -2.74
C ILE C 203 1.51 8.34 -2.62
N SER C 204 2.35 9.35 -2.40
CA SER C 204 1.83 10.69 -2.12
C SER C 204 2.22 11.87 -3.03
N TRP C 205 3.54 12.18 -3.13
CA TRP C 205 3.93 13.35 -3.94
C TRP C 205 5.38 13.28 -4.38
N GLY C 206 5.76 14.22 -5.24
CA GLY C 206 7.11 14.25 -5.73
C GLY C 206 7.30 15.49 -6.56
N GLU C 207 8.48 15.61 -7.13
CA GLU C 207 8.81 16.74 -8.01
C GLU C 207 9.15 16.12 -9.36
N GLU C 208 8.22 16.19 -10.30
CA GLU C 208 8.37 15.54 -11.58
C GLU C 208 8.46 14.08 -11.12
N CYS C 209 9.00 13.22 -11.96
CA CYS C 209 9.11 11.81 -11.60
C CYS C 209 10.43 11.25 -12.11
N ALA C 210 11.02 10.37 -11.31
CA ALA C 210 12.19 9.64 -11.71
C ALA C 210 13.42 10.45 -12.06
N MET C 211 13.48 11.68 -11.57
CA MET C 211 14.64 12.54 -11.87
C MET C 211 15.80 12.26 -10.93
N LYS C 212 17.04 12.32 -11.44
CA LYS C 212 18.20 12.06 -10.59
C LYS C 212 18.29 13.08 -9.47
N GLY C 213 18.48 12.62 -8.24
CA GLY C 213 18.57 13.51 -7.09
C GLY C 213 17.25 13.81 -6.41
N LYS C 214 16.18 13.26 -6.96
CA LYS C 214 14.84 13.47 -6.40
C LYS C 214 14.35 12.08 -6.00
N TYR C 215 13.39 12.05 -5.08
CA TYR C 215 12.88 10.77 -4.64
C TYR C 215 11.36 10.87 -4.54
N GLY C 216 10.70 9.72 -4.50
CA GLY C 216 9.25 9.70 -4.32
C GLY C 216 9.03 9.90 -2.83
N ILE C 217 7.98 10.67 -2.51
CA ILE C 217 7.60 10.93 -1.16
C ILE C 217 6.31 10.16 -0.89
N TYR C 218 6.30 9.54 0.29
CA TYR C 218 5.28 8.62 0.69
C TYR C 218 4.73 8.91 2.05
N THR C 219 3.44 8.65 2.23
CA THR C 219 2.85 8.88 3.53
C THR C 219 3.29 7.72 4.46
N LYS C 220 3.85 8.07 5.61
CA LYS C 220 4.33 7.05 6.55
C LYS C 220 3.16 6.39 7.29
N VAL C 221 2.74 5.21 6.80
CA VAL C 221 1.55 4.55 7.33
C VAL C 221 1.60 4.14 8.80
N SER C 222 2.80 3.90 9.33
CA SER C 222 2.87 3.53 10.74
C SER C 222 2.22 4.62 11.62
N ARG C 223 2.34 5.88 11.22
CA ARG C 223 1.73 6.95 12.03
C ARG C 223 0.20 6.99 12.01
N TYR C 224 -0.40 6.21 11.10
CA TYR C 224 -1.86 6.20 10.90
C TYR C 224 -2.56 4.89 11.11
N VAL C 225 -1.82 3.81 11.41
CA VAL C 225 -2.47 2.52 11.56
C VAL C 225 -3.55 2.51 12.64
N ASN C 226 -3.35 3.21 13.74
CA ASN C 226 -4.41 3.24 14.74
C ASN C 226 -5.69 3.85 14.18
N TRP C 227 -5.55 4.93 13.41
CA TRP C 227 -6.69 5.63 12.83
C TRP C 227 -7.37 4.72 11.79
N ILE C 228 -6.56 4.01 10.98
CA ILE C 228 -7.18 3.13 9.97
C ILE C 228 -8.02 2.06 10.68
N LYS C 229 -7.43 1.46 11.70
CA LYS C 229 -8.14 0.41 12.43
C LYS C 229 -9.40 0.89 13.12
N GLU C 230 -9.39 2.12 13.64
CA GLU C 230 -10.56 2.68 14.31
C GLU C 230 -11.74 2.98 13.37
N LYS C 231 -11.43 3.48 12.18
CA LYS C 231 -12.47 3.92 11.29
C LYS C 231 -13.04 2.83 10.39
N THR C 232 -12.25 1.80 10.21
CA THR C 232 -12.69 0.72 9.30
C THR C 232 -13.30 -0.50 9.93
N LYS C 233 -13.67 -0.39 11.20
CA LYS C 233 -14.27 -1.54 11.87
C LYS C 233 -15.54 -2.01 11.22
N LEU C 234 -15.70 -3.33 11.10
CA LEU C 234 -16.93 -3.89 10.53
C LEU C 234 -17.88 -4.25 11.69
N THR C 235 -19.18 -4.00 11.50
CA THR C 235 -20.19 -4.29 12.52
C THR C 235 -21.16 -5.40 12.11
CA CA D . -9.73 -4.98 -16.95
#